data_3BKZ
#
_entry.id   3BKZ
#
_cell.length_a   41.397
_cell.length_b   75.507
_cell.length_c   46.788
_cell.angle_alpha   90.00
_cell.angle_beta   105.45
_cell.angle_gamma   90.00
#
_symmetry.space_group_name_H-M   'P 1 21 1'
#
loop_
_entity.id
_entity.type
_entity.pdbx_description
1 polymer 'Alpha-ketoglutarate-dependent dioxygenase alkB'
2 polymer "DNA (5'-D(*DTP*DAP*DGP*DGP*DTP*DAP*DAP*DCP*DAP*DTP*DCP*DGP*DT)-3')"
3 polymer "DNA (5'-D(*DAP*DAP*DCP*DGP*DAP*DTP*DAP*DTP*DTP*DAP*DCP*DCP*DT)-3')"
4 non-polymer 'MANGANESE (II) ION'
5 non-polymer '2-OXOGLUTARIC ACID'
6 water water
#
loop_
_entity_poly.entity_id
_entity_poly.type
_entity_poly.pdbx_seq_one_letter_code
_entity_poly.pdbx_strand_id
1 'polypeptide(L)'
;PLAAGAVILRRFAFNAAEQLIRDINDVASQSPFRQMVTPGGYTMSVAMTNCGHLGWTTHRQGYLYSPIDPQTNKPWPAMP
QSFHNLCQRAATAAGYPDFQPDACLINRYAPGAKLSLHQDKCEPDLRAPIVSVSLGLPAIFQFGGLKRNDPLKRLLLEHG
DVVVWGGESRLFYHGIQPLKAGFHPLTIDCRYNLTFRQAGK
;
A
2 'polydeoxyribonucleotide' (DT)(DA)(DG)(DG)(DT)(DA)(DA)(2YR)(DA)(DT)(DC)(DG)(DT) B
3 'polydeoxyribonucleotide' (DA)(DA)(DC)(DG)(DA)(DT)(DA)(DT)(DT)(DA)(DC)(DC)(DT) C
#
# COMPACT_ATOMS: atom_id res chain seq x y z
N PRO A 1 -6.38 -13.83 -15.42
CA PRO A 1 -6.17 -13.37 -14.06
C PRO A 1 -4.70 -13.08 -13.76
N LEU A 2 -4.46 -12.18 -12.80
CA LEU A 2 -3.10 -11.79 -12.41
C LEU A 2 -2.29 -12.97 -11.88
N ALA A 3 -2.87 -13.70 -10.93
CA ALA A 3 -2.28 -14.91 -10.37
C ALA A 3 -3.34 -15.68 -9.60
N ALA A 4 -3.00 -16.86 -9.11
CA ALA A 4 -3.89 -17.62 -8.24
C ALA A 4 -4.18 -16.80 -6.97
N GLY A 5 -5.44 -16.42 -6.81
CA GLY A 5 -5.87 -15.61 -5.67
C GLY A 5 -5.58 -14.13 -5.80
N ALA A 6 -5.10 -13.72 -6.98
CA ALA A 6 -4.78 -12.32 -7.24
C ALA A 6 -5.58 -11.77 -8.41
N VAL A 7 -6.02 -10.53 -8.29
CA VAL A 7 -6.77 -9.86 -9.36
C VAL A 7 -6.44 -8.36 -9.41
N ILE A 8 -6.54 -7.80 -10.61
CA ILE A 8 -6.50 -6.35 -10.77
C ILE A 8 -7.89 -5.84 -11.14
N LEU A 9 -8.39 -4.90 -10.34
CA LEU A 9 -9.70 -4.28 -10.57
C LEU A 9 -9.45 -2.88 -11.11
N ARG A 10 -9.41 -2.77 -12.43
CA ARG A 10 -9.02 -1.52 -13.07
C ARG A 10 -10.07 -0.42 -12.88
N ARG A 11 -9.60 0.73 -12.40
CA ARG A 11 -10.45 1.89 -12.12
C ARG A 11 -11.51 1.66 -11.04
N PHE A 12 -11.33 0.62 -10.23
CA PHE A 12 -12.30 0.29 -9.18
C PHE A 12 -12.55 1.47 -8.23
N ALA A 13 -11.48 2.19 -7.90
CA ALA A 13 -11.55 3.29 -6.93
C ALA A 13 -11.59 4.66 -7.60
N PHE A 14 -11.86 4.70 -8.90
CA PHE A 14 -11.88 5.96 -9.65
C PHE A 14 -12.92 6.94 -9.10
N ASN A 15 -14.14 6.46 -8.87
CA ASN A 15 -15.22 7.30 -8.37
C ASN A 15 -15.02 7.78 -6.93
N ALA A 16 -14.31 6.97 -6.15
CA ALA A 16 -14.05 7.27 -4.74
C ALA A 16 -12.79 8.12 -4.53
N ALA A 17 -12.05 8.33 -5.61
CA ALA A 17 -10.69 8.91 -5.53
C ALA A 17 -10.62 10.27 -4.85
N GLU A 18 -11.50 11.18 -5.21
CA GLU A 18 -11.49 12.54 -4.67
C GLU A 18 -11.65 12.55 -3.15
N GLN A 19 -12.60 11.76 -2.64
CA GLN A 19 -12.79 11.60 -1.20
C GLN A 19 -11.60 10.93 -0.53
N LEU A 20 -11.05 9.90 -1.17
CA LEU A 20 -9.88 9.20 -0.64
C LEU A 20 -8.71 10.16 -0.45
N ILE A 21 -8.52 11.05 -1.41
CA ILE A 21 -7.42 12.01 -1.37
C ILE A 21 -7.62 13.07 -0.29
N ARG A 22 -8.87 13.51 -0.10
CA ARG A 22 -9.20 14.39 1.04
C ARG A 22 -8.83 13.72 2.37
N ASP A 23 -9.12 12.44 2.48
CA ASP A 23 -8.84 11.71 3.72
C ASP A 23 -7.35 11.40 3.89
N ILE A 24 -6.63 11.23 2.79
CA ILE A 24 -5.16 11.14 2.85
C ILE A 24 -4.58 12.40 3.47
N ASN A 25 -5.03 13.56 2.98
CA ASN A 25 -4.60 14.85 3.51
C ASN A 25 -4.92 15.01 4.99
N ASP A 26 -6.10 14.53 5.40
CA ASP A 26 -6.50 14.54 6.81
C ASP A 26 -5.58 13.68 7.67
N VAL A 27 -5.30 12.46 7.21
CA VAL A 27 -4.41 11.55 7.95
C VAL A 27 -3.01 12.18 8.08
N ALA A 28 -2.48 12.67 6.97
CA ALA A 28 -1.14 13.26 6.93
C ALA A 28 -1.00 14.53 7.76
N SER A 29 -2.11 15.21 8.02
CA SER A 29 -2.10 16.41 8.87
C SER A 29 -1.82 16.06 10.33
N GLN A 30 -2.05 14.79 10.69
CA GLN A 30 -1.85 14.30 12.05
C GLN A 30 -0.58 13.46 12.18
N SER A 31 -0.40 12.51 11.26
CA SER A 31 0.83 11.74 11.15
C SER A 31 1.42 12.06 9.77
N PRO A 32 2.40 12.98 9.73
CA PRO A 32 2.94 13.44 8.44
C PRO A 32 3.65 12.34 7.65
N PHE A 33 3.70 12.49 6.33
CA PHE A 33 4.55 11.64 5.50
C PHE A 33 6.00 11.78 5.93
N ARG A 34 6.69 10.64 5.99
CA ARG A 34 8.11 10.63 6.31
C ARG A 34 8.80 9.48 5.57
N GLN A 35 10.07 9.68 5.24
CA GLN A 35 10.85 8.64 4.58
C GLN A 35 11.56 7.82 5.65
N MET A 36 11.17 6.55 5.73
CA MET A 36 11.70 5.66 6.77
C MET A 36 13.08 5.14 6.42
N VAL A 37 13.87 4.85 7.46
CA VAL A 37 15.23 4.36 7.31
C VAL A 37 15.23 2.86 7.54
N THR A 38 15.83 2.11 6.63
CA THR A 38 15.94 0.66 6.76
C THR A 38 16.84 0.30 7.94
N PRO A 39 16.71 -0.92 8.48
CA PRO A 39 17.63 -1.42 9.50
C PRO A 39 19.10 -1.25 9.11
N GLY A 40 19.39 -1.39 7.80
CA GLY A 40 20.75 -1.25 7.28
C GLY A 40 21.23 0.19 7.13
N GLY A 41 20.32 1.14 7.32
CA GLY A 41 20.69 2.56 7.37
C GLY A 41 20.43 3.36 6.11
N TYR A 42 19.69 2.78 5.17
CA TYR A 42 19.34 3.46 3.93
C TYR A 42 17.94 4.04 4.00
N THR A 43 17.78 5.27 3.54
CA THR A 43 16.48 5.94 3.54
C THR A 43 15.66 5.51 2.32
N MET A 44 14.43 5.07 2.57
CA MET A 44 13.51 4.70 1.50
C MET A 44 13.16 5.93 0.67
N SER A 45 12.95 5.73 -0.64
CA SER A 45 12.58 6.82 -1.53
C SER A 45 11.09 7.18 -1.40
N VAL A 46 10.30 6.18 -1.07
N VAL A 46 10.29 6.18 -1.06
CA VAL A 46 8.88 6.39 -0.78
CA VAL A 46 8.86 6.41 -0.84
C VAL A 46 8.74 7.11 0.56
C VAL A 46 8.62 7.01 0.55
N ALA A 47 7.84 8.09 0.60
CA ALA A 47 7.46 8.74 1.85
C ALA A 47 6.14 8.10 2.27
N MET A 48 6.00 7.84 3.57
CA MET A 48 4.82 7.11 4.02
C MET A 48 4.25 7.61 5.33
N THR A 49 3.00 7.21 5.58
CA THR A 49 2.39 7.31 6.90
C THR A 49 1.41 6.13 7.02
N ASN A 50 0.66 6.08 8.12
CA ASN A 50 -0.27 4.99 8.36
C ASN A 50 -1.54 5.51 9.00
N CYS A 51 -2.61 4.74 8.86
CA CYS A 51 -3.81 4.94 9.66
C CYS A 51 -4.41 3.60 10.04
N GLY A 52 -5.32 3.61 11.00
CA GLY A 52 -5.89 2.38 11.54
C GLY A 52 -5.22 2.02 12.85
N HIS A 53 -5.53 0.84 13.36
CA HIS A 53 -5.04 0.39 14.67
C HIS A 53 -3.54 0.14 14.68
N LEU A 54 -3.00 -0.32 13.55
CA LEU A 54 -1.59 -0.63 13.44
C LEU A 54 -0.96 0.04 12.23
N GLY A 55 0.31 0.41 12.38
CA GLY A 55 1.07 1.03 11.31
C GLY A 55 2.41 0.37 11.12
N TRP A 56 2.81 0.24 9.85
CA TRP A 56 4.08 -0.38 9.49
C TRP A 56 5.22 0.60 9.76
N THR A 57 6.25 0.11 10.45
CA THR A 57 7.43 0.91 10.79
C THR A 57 8.71 0.11 10.61
N THR A 58 9.83 0.82 10.53
CA THR A 58 11.15 0.22 10.58
C THR A 58 11.83 0.52 11.92
N HIS A 59 12.55 -0.45 12.44
CA HIS A 59 13.49 -0.24 13.52
C HIS A 59 14.89 -0.62 13.05
N ARG A 60 15.87 -0.46 13.92
CA ARG A 60 17.20 -1.00 13.68
C ARG A 60 17.14 -2.53 13.67
N GLN A 61 16.22 -3.07 14.47
CA GLN A 61 16.08 -4.52 14.64
C GLN A 61 15.30 -5.22 13.52
N GLY A 62 14.60 -4.44 12.70
CA GLY A 62 13.82 -4.99 11.59
C GLY A 62 12.55 -4.21 11.28
N TYR A 63 11.56 -4.91 10.70
CA TYR A 63 10.26 -4.32 10.42
C TYR A 63 9.26 -4.71 11.52
N LEU A 64 8.29 -3.84 11.79
CA LEU A 64 7.28 -4.11 12.82
C LEU A 64 6.04 -3.24 12.69
N TYR A 65 4.93 -3.76 13.20
CA TYR A 65 3.70 -2.99 13.32
C TYR A 65 3.57 -2.44 14.73
N SER A 66 3.16 -1.17 14.80
CA SER A 66 3.00 -0.50 16.08
C SER A 66 1.70 0.30 16.09
N PRO A 67 1.01 0.35 17.25
CA PRO A 67 -0.15 1.23 17.38
C PRO A 67 0.22 2.71 17.50
N ILE A 68 1.50 2.98 17.74
CA ILE A 68 1.99 4.35 17.94
C ILE A 68 2.92 4.79 16.80
N ASP A 69 2.70 6.02 16.33
CA ASP A 69 3.56 6.67 15.35
C ASP A 69 4.84 7.09 16.08
N PRO A 70 6.00 6.49 15.71
CA PRO A 70 7.24 6.78 16.42
C PRO A 70 7.75 8.23 16.26
N GLN A 71 7.21 8.94 15.26
CA GLN A 71 7.58 10.34 15.03
C GLN A 71 6.82 11.29 15.96
N THR A 72 5.51 11.05 16.10
CA THR A 72 4.64 11.91 16.92
C THR A 72 4.48 11.40 18.34
N ASN A 73 4.75 10.11 18.55
CA ASN A 73 4.48 9.40 19.81
C ASN A 73 3.00 9.36 20.19
N LYS A 74 2.15 9.57 19.18
CA LYS A 74 0.71 9.45 19.33
C LYS A 74 0.21 8.29 18.47
N PRO A 75 -0.98 7.74 18.79
CA PRO A 75 -1.57 6.74 17.92
C PRO A 75 -1.66 7.21 16.48
N TRP A 76 -1.57 6.27 15.53
CA TRP A 76 -1.84 6.60 14.14
C TRP A 76 -3.28 7.10 14.07
N PRO A 77 -3.59 7.98 13.09
CA PRO A 77 -4.98 8.39 12.91
C PRO A 77 -5.90 7.19 12.64
N ALA A 78 -7.15 7.28 13.09
CA ALA A 78 -8.12 6.23 12.85
C ALA A 78 -8.30 6.04 11.35
N MET A 79 -8.60 4.81 10.93
CA MET A 79 -8.82 4.55 9.50
C MET A 79 -10.09 5.27 9.04
N PRO A 80 -9.96 6.15 8.02
CA PRO A 80 -11.15 6.83 7.49
C PRO A 80 -12.19 5.84 7.00
N GLN A 81 -13.46 6.19 7.17
CA GLN A 81 -14.57 5.35 6.72
C GLN A 81 -14.52 5.16 5.19
N SER A 82 -14.08 6.19 4.48
CA SER A 82 -13.94 6.11 3.02
C SER A 82 -12.94 5.03 2.62
N PHE A 83 -11.83 4.94 3.38
CA PHE A 83 -10.82 3.91 3.17
C PHE A 83 -11.40 2.52 3.42
N HIS A 84 -12.04 2.37 4.59
CA HIS A 84 -12.56 1.08 5.03
C HIS A 84 -13.62 0.54 4.10
N ASN A 85 -14.53 1.41 3.67
CA ASN A 85 -15.60 1.04 2.75
C ASN A 85 -15.07 0.63 1.38
N LEU A 86 -14.13 1.41 0.85
CA LEU A 86 -13.53 1.08 -0.45
C LEU A 86 -12.82 -0.27 -0.37
N CYS A 87 -12.03 -0.46 0.69
CA CYS A 87 -11.31 -1.71 0.89
C CYS A 87 -12.26 -2.91 0.95
N GLN A 88 -13.33 -2.78 1.72
CA GLN A 88 -14.36 -3.82 1.84
C GLN A 88 -14.97 -4.20 0.49
N ARG A 89 -15.30 -3.18 -0.31
CA ARG A 89 -15.91 -3.39 -1.62
C ARG A 89 -14.95 -4.04 -2.62
N ALA A 90 -13.69 -3.63 -2.59
CA ALA A 90 -12.67 -4.19 -3.47
C ALA A 90 -12.34 -5.63 -3.10
N ALA A 91 -12.17 -5.87 -1.80
CA ALA A 91 -11.86 -7.21 -1.32
C ALA A 91 -12.98 -8.17 -1.69
N THR A 92 -14.23 -7.73 -1.55
CA THR A 92 -15.41 -8.54 -1.90
C THR A 92 -15.43 -8.85 -3.40
N ALA A 93 -15.18 -7.84 -4.23
CA ALA A 93 -15.15 -8.03 -5.68
C ALA A 93 -14.04 -9.00 -6.11
N ALA A 94 -12.97 -9.03 -5.30
CA ALA A 94 -11.79 -9.86 -5.57
C ALA A 94 -11.93 -11.28 -5.03
N GLY A 95 -13.03 -11.56 -4.31
CA GLY A 95 -13.29 -12.89 -3.77
C GLY A 95 -12.85 -13.09 -2.32
N TYR A 96 -12.63 -11.98 -1.61
CA TYR A 96 -12.27 -12.00 -0.19
C TYR A 96 -13.30 -11.22 0.64
N PRO A 97 -14.52 -11.76 0.78
CA PRO A 97 -15.61 -10.98 1.38
C PRO A 97 -15.52 -10.83 2.90
N ASP A 98 -14.57 -11.52 3.52
CA ASP A 98 -14.46 -11.53 4.98
C ASP A 98 -13.23 -10.77 5.50
N PHE A 99 -12.52 -10.10 4.60
CA PHE A 99 -11.31 -9.35 4.94
C PHE A 99 -11.61 -8.20 5.91
N GLN A 100 -10.84 -8.16 7.00
CA GLN A 100 -10.99 -7.15 8.04
C GLN A 100 -9.66 -6.48 8.33
N PRO A 101 -9.32 -5.41 7.57
CA PRO A 101 -8.03 -4.75 7.75
C PRO A 101 -7.95 -4.00 9.08
N ASP A 102 -6.77 -3.97 9.69
CA ASP A 102 -6.54 -3.20 10.91
C ASP A 102 -5.38 -2.22 10.72
N ALA A 103 -4.89 -2.13 9.48
CA ALA A 103 -3.76 -1.28 9.14
C ALA A 103 -3.92 -0.80 7.72
N CYS A 104 -3.66 0.49 7.50
CA CYS A 104 -3.56 1.01 6.14
C CYS A 104 -2.31 1.86 5.99
N LEU A 105 -1.39 1.38 5.17
N LEU A 105 -1.38 1.37 5.19
CA LEU A 105 -0.17 2.12 4.85
CA LEU A 105 -0.20 2.13 4.80
C LEU A 105 -0.46 3.09 3.71
C LEU A 105 -0.61 3.15 3.76
N ILE A 106 -0.06 4.35 3.87
CA ILE A 106 -0.20 5.35 2.83
C ILE A 106 1.19 5.66 2.28
N ASN A 107 1.42 5.28 1.03
CA ASN A 107 2.70 5.52 0.35
C ASN A 107 2.58 6.71 -0.60
N ARG A 108 3.56 7.60 -0.57
CA ARG A 108 3.63 8.69 -1.53
C ARG A 108 4.91 8.60 -2.36
N TYR A 109 4.73 8.55 -3.68
CA TYR A 109 5.83 8.46 -4.62
C TYR A 109 6.02 9.78 -5.35
N ALA A 110 7.17 10.42 -5.13
CA ALA A 110 7.62 11.52 -5.98
C ALA A 110 8.30 10.93 -7.22
N PRO A 111 8.49 11.73 -8.27
CA PRO A 111 9.27 11.23 -9.41
C PRO A 111 10.59 10.61 -8.97
N GLY A 112 10.90 9.44 -9.52
CA GLY A 112 12.14 8.74 -9.19
C GLY A 112 12.02 7.75 -8.03
N ALA A 113 10.98 7.91 -7.21
CA ALA A 113 10.77 7.02 -6.07
C ALA A 113 10.35 5.63 -6.55
N LYS A 114 10.77 4.62 -5.79
CA LYS A 114 10.55 3.24 -6.16
C LYS A 114 10.29 2.39 -4.92
N LEU A 115 9.87 1.16 -5.13
CA LEU A 115 9.82 0.20 -4.06
C LEU A 115 10.40 -1.10 -4.60
N SER A 116 11.60 -1.45 -4.14
CA SER A 116 12.30 -2.62 -4.64
C SER A 116 11.54 -3.90 -4.29
N LEU A 117 11.78 -4.95 -5.07
N LEU A 117 11.78 -4.95 -5.08
CA LEU A 117 11.08 -6.22 -4.93
CA LEU A 117 11.10 -6.23 -4.91
C LEU A 117 11.15 -6.76 -3.51
C LEU A 117 11.15 -6.74 -3.48
N HIS A 118 9.98 -7.12 -2.95
CA HIS A 118 9.87 -7.61 -1.58
C HIS A 118 8.61 -8.46 -1.43
N GLN A 119 8.55 -9.23 -0.35
CA GLN A 119 7.33 -9.93 0.06
C GLN A 119 6.72 -9.20 1.25
N ASP A 120 5.38 -9.19 1.32
CA ASP A 120 4.68 -8.75 2.53
C ASP A 120 4.59 -9.96 3.45
N LYS A 121 5.50 -10.06 4.41
CA LYS A 121 5.56 -11.29 5.22
C LYS A 121 5.80 -11.13 6.73
N CYS A 122 5.45 -9.98 7.30
CA CYS A 122 5.53 -9.83 8.76
C CYS A 122 4.17 -9.62 9.41
N GLU A 123 3.15 -10.21 8.79
CA GLU A 123 1.81 -10.29 9.38
C GLU A 123 1.61 -11.70 9.91
N PRO A 124 1.21 -11.83 11.19
CA PRO A 124 1.02 -13.14 11.83
C PRO A 124 -0.06 -14.01 11.18
N ASP A 125 -1.06 -13.39 10.57
CA ASP A 125 -2.15 -14.12 9.93
C ASP A 125 -2.13 -13.93 8.41
N LEU A 126 -1.56 -14.91 7.72
CA LEU A 126 -1.38 -14.84 6.27
C LEU A 126 -2.62 -15.24 5.46
N ARG A 127 -3.69 -15.62 6.17
CA ARG A 127 -4.97 -15.96 5.52
C ARG A 127 -5.62 -14.73 4.88
N ALA A 128 -5.34 -13.56 5.44
CA ALA A 128 -5.92 -12.31 4.97
C ALA A 128 -5.17 -11.76 3.75
N PRO A 129 -5.91 -11.23 2.76
CA PRO A 129 -5.29 -10.69 1.55
C PRO A 129 -4.67 -9.31 1.75
N ILE A 130 -3.94 -8.85 0.73
CA ILE A 130 -3.47 -7.47 0.63
C ILE A 130 -4.37 -6.77 -0.38
N VAL A 131 -4.89 -5.60 -0.01
CA VAL A 131 -5.65 -4.74 -0.93
C VAL A 131 -4.86 -3.47 -1.18
N SER A 132 -4.57 -3.20 -2.45
CA SER A 132 -3.61 -2.16 -2.83
C SER A 132 -4.25 -1.17 -3.83
N VAL A 133 -4.42 0.07 -3.41
CA VAL A 133 -5.11 1.10 -4.20
C VAL A 133 -4.13 2.12 -4.81
N SER A 134 -4.26 2.37 -6.12
CA SER A 134 -3.42 3.35 -6.82
C SER A 134 -4.17 4.65 -7.05
N LEU A 135 -3.48 5.77 -6.79
CA LEU A 135 -4.04 7.11 -7.00
C LEU A 135 -3.00 8.06 -7.60
N GLY A 136 -3.43 8.86 -8.58
CA GLY A 136 -2.55 9.87 -9.16
C GLY A 136 -1.71 9.34 -10.32
N LEU A 137 -0.43 9.69 -10.31
CA LEU A 137 0.49 9.32 -11.41
C LEU A 137 0.60 7.81 -11.61
N PRO A 138 0.74 7.38 -12.88
CA PRO A 138 0.86 5.94 -13.16
C PRO A 138 2.22 5.37 -12.76
N ALA A 139 2.25 4.07 -12.48
CA ALA A 139 3.49 3.38 -12.10
C ALA A 139 3.51 1.98 -12.67
N ILE A 140 4.72 1.45 -12.90
CA ILE A 140 4.87 0.06 -13.30
C ILE A 140 5.01 -0.81 -12.06
N PHE A 141 4.02 -1.69 -11.87
CA PHE A 141 3.97 -2.62 -10.75
C PHE A 141 4.56 -3.96 -11.17
N GLN A 142 5.50 -4.46 -10.38
CA GLN A 142 6.10 -5.77 -10.62
C GLN A 142 5.40 -6.80 -9.75
N PHE A 143 5.01 -7.93 -10.34
CA PHE A 143 4.39 -9.01 -9.59
C PHE A 143 5.01 -10.33 -10.00
N GLY A 144 5.70 -10.97 -9.06
CA GLY A 144 6.48 -12.18 -9.34
C GLY A 144 5.89 -13.43 -8.74
N GLY A 145 6.72 -14.19 -8.03
CA GLY A 145 6.32 -15.43 -7.38
C GLY A 145 6.88 -15.58 -5.98
N LEU A 146 6.93 -16.82 -5.49
CA LEU A 146 7.42 -17.11 -4.14
C LEU A 146 8.92 -16.89 -3.95
N LYS A 147 9.68 -17.04 -5.04
CA LYS A 147 11.13 -16.81 -5.02
C LYS A 147 11.45 -15.47 -5.65
N ARG A 148 12.55 -14.85 -5.21
CA ARG A 148 12.93 -13.52 -5.69
C ARG A 148 13.31 -13.52 -7.17
N ASN A 149 13.82 -14.64 -7.67
CA ASN A 149 14.23 -14.77 -9.07
C ASN A 149 13.13 -15.28 -10.01
N ASP A 150 11.93 -15.51 -9.48
CA ASP A 150 10.77 -15.89 -10.31
C ASP A 150 10.45 -14.79 -11.32
N PRO A 151 9.99 -15.16 -12.53
CA PRO A 151 9.67 -14.20 -13.58
C PRO A 151 8.65 -13.14 -13.15
N LEU A 152 8.90 -11.90 -13.54
CA LEU A 152 8.04 -10.79 -13.16
C LEU A 152 7.04 -10.45 -14.25
N LYS A 153 5.80 -10.20 -13.82
CA LYS A 153 4.82 -9.55 -14.67
C LYS A 153 4.97 -8.06 -14.41
N ARG A 154 4.91 -7.25 -15.47
CA ARG A 154 4.98 -5.80 -15.34
C ARG A 154 3.66 -5.19 -15.78
N LEU A 155 2.97 -4.56 -14.84
CA LEU A 155 1.64 -4.00 -15.09
C LEU A 155 1.60 -2.53 -14.75
N LEU A 156 1.20 -1.71 -15.71
CA LEU A 156 0.92 -0.30 -15.42
C LEU A 156 -0.30 -0.21 -14.51
N LEU A 157 -0.15 0.53 -13.43
CA LEU A 157 -1.26 0.84 -12.54
C LEU A 157 -1.59 2.31 -12.66
N GLU A 158 -2.83 2.58 -13.03
CA GLU A 158 -3.28 3.95 -13.24
C GLU A 158 -4.26 4.37 -12.15
N HIS A 159 -4.56 5.67 -12.11
CA HIS A 159 -5.42 6.27 -11.10
C HIS A 159 -6.72 5.49 -10.91
N GLY A 160 -6.94 5.02 -9.68
CA GLY A 160 -8.16 4.27 -9.35
C GLY A 160 -8.03 2.75 -9.40
N ASP A 161 -6.95 2.25 -9.98
CA ASP A 161 -6.72 0.80 -10.04
C ASP A 161 -6.56 0.21 -8.64
N VAL A 162 -7.13 -0.97 -8.44
CA VAL A 162 -6.96 -1.73 -7.20
C VAL A 162 -6.43 -3.13 -7.51
N VAL A 163 -5.37 -3.52 -6.80
CA VAL A 163 -4.80 -4.86 -6.94
C VAL A 163 -4.99 -5.58 -5.62
N VAL A 164 -5.40 -6.85 -5.71
CA VAL A 164 -5.61 -7.66 -4.52
C VAL A 164 -4.87 -8.98 -4.70
N TRP A 165 -4.12 -9.39 -3.70
CA TRP A 165 -3.51 -10.72 -3.71
C TRP A 165 -3.66 -11.42 -2.36
N GLY A 166 -3.67 -12.75 -2.42
CA GLY A 166 -3.89 -13.56 -1.23
C GLY A 166 -3.88 -15.02 -1.60
N GLY A 167 -4.15 -15.88 -0.62
CA GLY A 167 -4.10 -17.32 -0.80
C GLY A 167 -2.77 -17.74 -1.38
N GLU A 168 -2.81 -18.39 -2.54
CA GLU A 168 -1.60 -18.90 -3.21
C GLU A 168 -0.59 -17.81 -3.54
N SER A 169 -1.07 -16.59 -3.80
CA SER A 169 -0.20 -15.48 -4.18
C SER A 169 0.09 -14.51 -3.03
N ARG A 170 -0.35 -14.86 -1.82
CA ARG A 170 -0.23 -13.97 -0.67
C ARG A 170 1.21 -13.52 -0.39
N LEU A 171 2.16 -14.43 -0.56
CA LEU A 171 3.57 -14.14 -0.26
C LEU A 171 4.41 -13.82 -1.51
N PHE A 172 3.75 -13.50 -2.62
CA PHE A 172 4.46 -13.23 -3.87
C PHE A 172 5.28 -11.95 -3.80
N TYR A 173 6.47 -11.98 -4.40
CA TYR A 173 7.32 -10.80 -4.53
C TYR A 173 6.67 -9.77 -5.44
N HIS A 174 6.81 -8.51 -5.07
CA HIS A 174 6.23 -7.41 -5.84
C HIS A 174 6.99 -6.11 -5.57
N GLY A 175 6.76 -5.11 -6.41
CA GLY A 175 7.40 -3.81 -6.21
C GLY A 175 6.91 -2.77 -7.20
N ILE A 176 7.48 -1.58 -7.11
CA ILE A 176 7.13 -0.46 -7.98
C ILE A 176 8.41 0.13 -8.59
N GLN A 177 8.42 0.26 -9.91
CA GLN A 177 9.59 0.80 -10.61
C GLN A 177 9.67 2.32 -10.44
N PRO A 178 10.89 2.90 -10.53
CA PRO A 178 11.04 4.34 -10.34
C PRO A 178 9.97 5.15 -11.08
N LEU A 179 9.25 5.98 -10.32
CA LEU A 179 8.12 6.73 -10.86
C LEU A 179 8.53 7.76 -11.89
N LYS A 180 7.87 7.72 -13.04
CA LYS A 180 8.05 8.74 -14.06
C LYS A 180 7.40 10.04 -13.60
N ALA A 181 8.00 11.17 -13.98
CA ALA A 181 7.44 12.47 -13.64
C ALA A 181 6.19 12.71 -14.48
N GLY A 182 5.39 13.69 -14.08
CA GLY A 182 4.20 14.03 -14.85
C GLY A 182 3.17 14.81 -14.07
N PHE A 183 1.95 14.86 -14.62
CA PHE A 183 0.86 15.60 -14.02
C PHE A 183 -0.41 14.76 -13.92
N HIS A 184 -1.05 14.84 -12.76
CA HIS A 184 -2.41 14.35 -12.58
C HIS A 184 -3.22 15.46 -11.92
N PRO A 185 -4.47 15.71 -12.39
CA PRO A 185 -5.23 16.83 -11.84
C PRO A 185 -5.56 16.74 -10.34
N LEU A 186 -5.55 15.53 -9.77
CA LEU A 186 -5.95 15.34 -8.38
C LEU A 186 -4.79 15.22 -7.37
N THR A 187 -3.62 14.82 -7.85
CA THR A 187 -2.45 14.66 -6.99
C THR A 187 -1.30 15.59 -7.41
N ILE A 188 -1.49 16.25 -8.55
CA ILE A 188 -0.51 17.17 -9.15
C ILE A 188 0.76 16.47 -9.66
N ASP A 189 1.62 16.04 -8.74
CA ASP A 189 2.97 15.61 -9.11
C ASP A 189 3.42 14.32 -8.42
N CYS A 190 2.47 13.59 -7.83
CA CYS A 190 2.82 12.36 -7.12
C CYS A 190 1.86 11.21 -7.39
N ARG A 191 2.27 10.01 -6.97
CA ARG A 191 1.39 8.86 -6.87
C ARG A 191 1.18 8.53 -5.40
N TYR A 192 -0.07 8.28 -5.02
CA TYR A 192 -0.38 7.71 -3.71
C TYR A 192 -0.75 6.25 -3.86
N ASN A 193 -0.41 5.46 -2.85
CA ASN A 193 -0.88 4.09 -2.75
C ASN A 193 -1.42 3.83 -1.35
N LEU A 194 -2.56 3.15 -1.28
CA LEU A 194 -3.12 2.69 -0.02
C LEU A 194 -2.95 1.19 0.04
N THR A 195 -2.24 0.71 1.05
CA THR A 195 -2.06 -0.73 1.24
C THR A 195 -2.76 -1.18 2.53
N PHE A 196 -3.86 -1.92 2.37
CA PHE A 196 -4.64 -2.44 3.50
C PHE A 196 -4.19 -3.83 3.88
N ARG A 197 -3.98 -4.06 5.18
CA ARG A 197 -3.57 -5.35 5.70
C ARG A 197 -4.29 -5.69 7.00
N GLN A 198 -4.43 -6.98 7.27
CA GLN A 198 -4.67 -7.44 8.64
C GLN A 198 -3.31 -7.74 9.23
N ALA A 199 -2.84 -6.81 10.07
CA ALA A 199 -1.48 -6.83 10.60
C ALA A 199 -1.38 -7.46 11.98
N GLY A 200 -2.52 -7.59 12.66
CA GLY A 200 -2.57 -8.15 14.00
C GLY A 200 -3.49 -9.35 14.08
N LYS A 201 -4.08 -9.55 15.26
CA LYS A 201 -5.05 -10.61 15.54
C LYS A 201 -4.38 -11.97 15.73
#